data_7SUS
#
_entry.id   7SUS
#
_cell.length_a   163.010
_cell.length_b   44.560
_cell.length_c   79.680
_cell.angle_alpha   90.000
_cell.angle_beta   115.620
_cell.angle_gamma   90.000
#
_symmetry.space_group_name_H-M   'C 1 2 1'
#
loop_
_entity.id
_entity.type
_entity.pdbx_description
1 polymer 'Apelin receptor, with Rubredoxin insertion'
2 non-polymer 'ZINC ION'
3 non-polymer (1R,2S)-N-[4-(2,6-dimethoxyphenyl)-5-(6-methylpyridin-2-yl)-1,2,4-triazol-3-yl]-1-(5-methylpyrimidin-2-yl)-1-oxidanyl-propane-2-sulfonamide
4 non-polymer '(2R)-2,3-dihydroxypropyl (9Z)-octadec-9-enoate'
5 water water
#
_entity_poly.entity_id   1
_entity_poly.type   'polypeptide(L)'
_entity_poly.pdbx_seq_one_letter_code
;MKTIIALSYIFCLVFADYKDDDDKFDNYYGADNQSECEYTDWKSSGALIPAIYMLVFLLGTTGNGLVLWTVFRSSREKRR
SADIFIASLAVADLTFVVTLPLWATYTYRDYDWPFGTFFCKLSSYLIFVNMYASAFCLTGLSFDRYLAIVRPVANARLRL
RVSGAVATAVLWVLAALLAMPVMVLRTTGDLCNTNKVQCYMDYSMVATVSSEWAWEVGLGVSSTTVGFVVPFTICLTCYF
FIAQTIAMKKYTCTVCGYIYNPEDGDPDNGVNPGTDFKDIPDDWVCPLCGVGKDQFEEVEERRRLLSICVVLVVTFALCW
MPYHLVKTLYMLGSLLHWPCDFDLFLMNIFPYCTCISYVNSCLNPFLYAFFDPRFRQACTSMLLMGQSRLEVLFQGPHHH
HHHHHHH
;
_entity_poly.pdbx_strand_id   A
#
# COMPACT_ATOMS: atom_id res chain seq x y z
N ILE A 49 -22.47 -12.98 3.77
CA ILE A 49 -21.39 -12.69 4.69
C ILE A 49 -20.38 -13.87 4.82
N PRO A 50 -20.76 -15.14 5.11
CA PRO A 50 -19.73 -16.19 5.21
C PRO A 50 -19.16 -16.66 3.87
N ALA A 51 -19.97 -16.60 2.80
CA ALA A 51 -19.59 -16.99 1.43
C ALA A 51 -18.58 -16.02 0.82
N ILE A 52 -18.61 -14.74 1.25
CA ILE A 52 -17.70 -13.68 0.79
C ILE A 52 -16.26 -13.94 1.24
N TYR A 53 -16.07 -14.34 2.53
CA TYR A 53 -14.77 -14.66 3.13
C TYR A 53 -14.10 -15.86 2.45
N MET A 54 -14.91 -16.87 2.06
CA MET A 54 -14.47 -18.10 1.39
C MET A 54 -13.90 -17.80 0.00
N LEU A 55 -14.48 -16.79 -0.69
CA LEU A 55 -14.06 -16.34 -2.03
C LEU A 55 -12.74 -15.59 -1.97
N VAL A 56 -12.49 -14.84 -0.87
CA VAL A 56 -11.27 -14.05 -0.64
C VAL A 56 -10.05 -14.97 -0.50
N PHE A 57 -10.20 -16.12 0.20
CA PHE A 57 -9.13 -17.10 0.39
C PHE A 57 -8.72 -17.76 -0.93
N LEU A 58 -9.70 -18.02 -1.82
CA LEU A 58 -9.49 -18.64 -3.14
C LEU A 58 -8.78 -17.65 -4.09
N LEU A 59 -9.18 -16.37 -4.07
CA LEU A 59 -8.61 -15.31 -4.91
C LEU A 59 -7.28 -14.77 -4.36
N GLY A 60 -7.06 -14.94 -3.05
CA GLY A 60 -5.86 -14.48 -2.36
C GLY A 60 -4.64 -15.35 -2.60
N THR A 61 -4.79 -16.68 -2.38
CA THR A 61 -3.73 -17.68 -2.56
C THR A 61 -3.26 -17.79 -4.01
N THR A 62 -4.20 -17.71 -4.96
CA THR A 62 -3.90 -17.79 -6.40
C THR A 62 -3.42 -16.45 -6.96
N GLY A 63 -3.99 -15.35 -6.45
CA GLY A 63 -3.66 -13.99 -6.84
C GLY A 63 -2.28 -13.56 -6.42
N ASN A 64 -2.02 -13.55 -5.09
CA ASN A 64 -0.73 -13.16 -4.52
C ASN A 64 0.38 -14.17 -4.84
N GLY A 65 -0.01 -15.42 -5.11
CA GLY A 65 0.89 -16.50 -5.51
C GLY A 65 1.44 -16.25 -6.91
N LEU A 66 0.64 -15.59 -7.77
CA LEU A 66 1.00 -15.21 -9.13
C LEU A 66 1.92 -13.99 -9.11
N VAL A 67 1.57 -12.95 -8.30
CA VAL A 67 2.32 -11.69 -8.13
C VAL A 67 3.75 -11.99 -7.65
N LEU A 68 3.89 -12.89 -6.65
CA LEU A 68 5.17 -13.31 -6.09
C LEU A 68 6.01 -14.08 -7.11
N TRP A 69 5.36 -14.87 -7.97
CA TRP A 69 6.01 -15.67 -9.00
C TRP A 69 6.50 -14.82 -10.17
N THR A 70 5.70 -13.81 -10.60
CA THR A 70 6.01 -12.90 -11.70
C THR A 70 7.26 -12.04 -11.46
N VAL A 71 7.45 -11.55 -10.22
CA VAL A 71 8.60 -10.73 -9.82
C VAL A 71 9.87 -11.60 -9.75
N PHE A 72 9.76 -12.81 -9.15
CA PHE A 72 10.85 -13.77 -9.02
C PHE A 72 11.30 -14.38 -10.36
N ARG A 73 10.38 -14.49 -11.34
CA ARG A 73 10.67 -15.02 -12.67
C ARG A 73 11.50 -14.06 -13.52
N SER A 74 11.41 -12.74 -13.23
CA SER A 74 12.13 -11.67 -13.92
C SER A 74 13.64 -11.78 -13.70
N SER A 75 14.44 -11.31 -14.69
CA SER A 75 15.90 -11.32 -14.68
C SER A 75 16.50 -10.46 -13.56
N ARG A 76 17.72 -10.82 -13.10
CA ARG A 76 18.48 -10.16 -12.03
C ARG A 76 18.78 -8.68 -12.33
N GLU A 77 19.10 -8.36 -13.60
CA GLU A 77 19.42 -7.01 -14.06
C GLU A 77 18.24 -6.28 -14.71
N LYS A 78 17.09 -6.98 -14.90
CA LYS A 78 15.89 -6.43 -15.52
C LYS A 78 14.78 -6.08 -14.51
N ARG A 79 15.07 -6.14 -13.20
CA ARG A 79 14.11 -5.82 -12.14
C ARG A 79 13.98 -4.31 -11.91
N ARG A 80 12.73 -3.84 -11.73
CA ARG A 80 12.41 -2.43 -11.47
C ARG A 80 12.82 -2.02 -10.05
N SER A 81 12.92 -0.69 -9.81
CA SER A 81 13.29 -0.13 -8.50
C SER A 81 12.16 -0.34 -7.48
N ALA A 82 10.90 -0.29 -7.96
CA ALA A 82 9.69 -0.47 -7.14
C ALA A 82 9.37 -1.94 -6.85
N ASP A 83 9.95 -2.89 -7.64
CA ASP A 83 9.75 -4.33 -7.52
C ASP A 83 10.09 -4.92 -6.15
N ILE A 84 11.07 -4.33 -5.43
CA ILE A 84 11.48 -4.76 -4.09
C ILE A 84 10.33 -4.57 -3.08
N PHE A 85 9.53 -3.49 -3.25
CA PHE A 85 8.38 -3.18 -2.41
C PHE A 85 7.13 -3.95 -2.87
N ILE A 86 7.03 -4.24 -4.19
CA ILE A 86 5.93 -4.99 -4.79
C ILE A 86 5.97 -6.46 -4.31
N ALA A 87 7.18 -7.05 -4.28
CA ALA A 87 7.41 -8.43 -3.81
C ALA A 87 7.13 -8.56 -2.31
N SER A 88 7.54 -7.56 -1.51
CA SER A 88 7.34 -7.52 -0.06
C SER A 88 5.86 -7.33 0.30
N LEU A 89 5.11 -6.59 -0.55
CA LEU A 89 3.67 -6.34 -0.39
C LEU A 89 2.90 -7.64 -0.67
N ALA A 90 3.39 -8.44 -1.64
CA ALA A 90 2.82 -9.74 -2.02
C ALA A 90 2.99 -10.77 -0.89
N VAL A 91 4.15 -10.74 -0.19
CA VAL A 91 4.47 -11.62 0.93
C VAL A 91 3.53 -11.29 2.11
N ALA A 92 3.36 -9.98 2.39
CA ALA A 92 2.49 -9.46 3.46
C ALA A 92 1.03 -9.83 3.20
N ASP A 93 0.55 -9.67 1.95
CA ASP A 93 -0.82 -10.00 1.58
C ASP A 93 -1.09 -11.51 1.52
N LEU A 94 -0.06 -12.33 1.20
CA LEU A 94 -0.16 -13.78 1.13
C LEU A 94 -0.37 -14.39 2.52
N THR A 95 0.47 -14.01 3.50
CA THR A 95 0.40 -14.48 4.89
C THR A 95 -0.87 -14.00 5.59
N PHE A 96 -1.46 -12.88 5.10
CA PHE A 96 -2.70 -12.28 5.58
C PHE A 96 -3.89 -13.18 5.20
N VAL A 97 -3.79 -13.87 4.05
CA VAL A 97 -4.80 -14.80 3.52
C VAL A 97 -4.70 -16.16 4.26
N VAL A 98 -3.48 -16.53 4.72
CA VAL A 98 -3.22 -17.77 5.47
C VAL A 98 -3.95 -17.77 6.83
N THR A 99 -4.19 -16.57 7.40
CA THR A 99 -4.88 -16.39 8.69
C THR A 99 -6.42 -16.42 8.55
N LEU A 100 -6.96 -16.34 7.31
CA LEU A 100 -8.40 -16.36 7.02
C LEU A 100 -9.12 -17.65 7.46
N PRO A 101 -8.64 -18.91 7.20
CA PRO A 101 -9.39 -20.09 7.66
C PRO A 101 -9.58 -20.19 9.17
N LEU A 102 -8.71 -19.51 9.94
CA LEU A 102 -8.76 -19.45 11.40
C LEU A 102 -9.78 -18.39 11.87
N TRP A 103 -9.89 -17.29 11.10
CA TRP A 103 -10.78 -16.15 11.34
C TRP A 103 -12.23 -16.42 10.88
N ALA A 104 -12.40 -17.03 9.69
CA ALA A 104 -13.71 -17.34 9.10
C ALA A 104 -14.51 -18.37 9.91
N THR A 105 -13.82 -19.37 10.48
CA THR A 105 -14.42 -20.42 11.32
C THR A 105 -14.84 -19.83 12.67
N TYR A 106 -14.05 -18.87 13.17
CA TYR A 106 -14.27 -18.13 14.42
C TYR A 106 -15.55 -17.28 14.35
N THR A 107 -15.82 -16.69 13.17
CA THR A 107 -17.00 -15.84 12.92
C THR A 107 -18.26 -16.70 12.69
N TYR A 108 -18.10 -17.88 12.05
CA TYR A 108 -19.17 -18.84 11.74
C TYR A 108 -19.87 -19.34 13.02
N ARG A 109 -19.08 -19.79 14.01
CA ARG A 109 -19.56 -20.31 15.30
C ARG A 109 -19.90 -19.19 16.30
N ASP A 110 -19.81 -17.91 15.84
CA ASP A 110 -20.04 -16.67 16.59
C ASP A 110 -19.12 -16.56 17.81
N TYR A 111 -17.84 -16.20 17.53
CA TYR A 111 -16.74 -16.00 18.49
C TYR A 111 -16.45 -17.27 19.31
N ASP A 112 -15.81 -18.26 18.66
CA ASP A 112 -15.41 -19.55 19.23
C ASP A 112 -14.08 -20.01 18.62
N TRP A 113 -13.05 -20.19 19.46
CA TRP A 113 -11.70 -20.58 19.04
C TRP A 113 -11.35 -22.03 19.45
N PRO A 114 -11.51 -23.03 18.55
CA PRO A 114 -11.20 -24.42 18.91
C PRO A 114 -9.79 -24.89 18.50
N PHE A 115 -8.89 -23.95 18.13
CA PHE A 115 -7.53 -24.26 17.68
C PHE A 115 -6.52 -24.41 18.83
N GLY A 116 -6.38 -23.37 19.66
CA GLY A 116 -5.45 -23.37 20.79
C GLY A 116 -4.94 -22.00 21.21
N THR A 117 -4.03 -22.00 22.19
CA THR A 117 -3.43 -20.78 22.75
C THR A 117 -2.33 -20.21 21.84
N PHE A 118 -1.41 -21.09 21.34
CA PHE A 118 -0.31 -20.70 20.46
C PHE A 118 -0.80 -20.21 19.09
N PHE A 119 -1.88 -20.83 18.55
CA PHE A 119 -2.47 -20.45 17.28
C PHE A 119 -3.21 -19.11 17.37
N CYS A 120 -3.75 -18.79 18.56
CA CYS A 120 -4.44 -17.51 18.85
C CYS A 120 -3.38 -16.40 18.89
N LYS A 121 -2.19 -16.71 19.44
CA LYS A 121 -1.06 -15.79 19.55
C LYS A 121 -0.42 -15.50 18.19
N LEU A 122 -0.12 -16.56 17.40
CA LEU A 122 0.53 -16.44 16.08
C LEU A 122 -0.35 -15.77 15.01
N SER A 123 -1.64 -16.18 14.89
CA SER A 123 -2.57 -15.62 13.91
C SER A 123 -2.81 -14.13 14.13
N SER A 124 -3.00 -13.70 15.39
CA SER A 124 -3.21 -12.30 15.78
C SER A 124 -1.96 -11.46 15.50
N TYR A 125 -0.76 -12.06 15.71
CA TYR A 125 0.54 -11.43 15.47
C TYR A 125 0.75 -11.19 13.98
N LEU A 126 0.50 -12.23 13.14
CA LEU A 126 0.65 -12.16 11.69
C LEU A 126 -0.32 -11.18 11.03
N ILE A 127 -1.54 -11.02 11.59
CA ILE A 127 -2.55 -10.08 11.10
C ILE A 127 -2.04 -8.64 11.25
N PHE A 128 -1.48 -8.29 12.42
CA PHE A 128 -0.94 -6.96 12.71
C PHE A 128 0.43 -6.70 12.07
N VAL A 129 1.32 -7.72 11.97
CA VAL A 129 2.64 -7.59 11.34
C VAL A 129 2.44 -7.18 9.88
N ASN A 130 1.56 -7.89 9.16
CA ASN A 130 1.23 -7.62 7.75
C ASN A 130 0.39 -6.35 7.57
N MET A 131 -0.31 -5.88 8.65
CA MET A 131 -1.11 -4.65 8.62
C MET A 131 -0.17 -3.45 8.52
N TYR A 132 0.94 -3.48 9.30
CA TYR A 132 1.95 -2.42 9.30
C TYR A 132 2.84 -2.52 8.06
N ALA A 133 3.31 -3.76 7.73
CA ALA A 133 4.18 -4.06 6.59
C ALA A 133 3.63 -3.59 5.24
N SER A 134 2.34 -3.89 4.94
CA SER A 134 1.66 -3.49 3.70
C SER A 134 1.57 -1.97 3.56
N ALA A 135 1.38 -1.26 4.70
CA ALA A 135 1.32 0.19 4.76
C ALA A 135 2.72 0.78 4.56
N PHE A 136 3.76 0.13 5.14
CA PHE A 136 5.16 0.55 5.03
C PHE A 136 5.72 0.30 3.62
N CYS A 137 5.17 -0.68 2.89
CA CYS A 137 5.56 -1.02 1.52
C CYS A 137 5.14 0.11 0.57
N LEU A 138 3.95 0.68 0.81
CA LEU A 138 3.40 1.79 0.03
C LEU A 138 4.16 3.09 0.34
N THR A 139 4.68 3.21 1.58
CA THR A 139 5.51 4.34 2.05
C THR A 139 6.83 4.31 1.28
N GLY A 140 7.37 3.11 1.08
CA GLY A 140 8.60 2.85 0.34
C GLY A 140 8.41 3.13 -1.14
N LEU A 141 7.24 2.73 -1.69
CA LEU A 141 6.85 2.94 -3.09
C LEU A 141 6.73 4.43 -3.41
N SER A 142 6.10 5.21 -2.51
CA SER A 142 5.91 6.66 -2.64
C SER A 142 7.23 7.41 -2.54
N PHE A 143 8.14 6.96 -1.65
CA PHE A 143 9.47 7.57 -1.49
C PHE A 143 10.38 7.23 -2.66
N ASP A 144 10.19 6.03 -3.28
CA ASP A 144 10.92 5.57 -4.46
C ASP A 144 10.58 6.46 -5.66
N ARG A 145 9.29 6.85 -5.78
CA ARG A 145 8.80 7.73 -6.84
C ARG A 145 9.24 9.17 -6.58
N TYR A 146 9.44 9.54 -5.31
CA TYR A 146 9.89 10.88 -4.90
C TYR A 146 11.35 11.12 -5.32
N LEU A 147 12.25 10.20 -4.95
CA LEU A 147 13.69 10.29 -5.26
C LEU A 147 13.98 10.26 -6.77
N ALA A 148 13.14 9.57 -7.54
CA ALA A 148 13.28 9.41 -8.99
C ALA A 148 12.74 10.60 -9.80
N ILE A 149 11.52 11.07 -9.49
CA ILE A 149 10.87 12.16 -10.22
C ILE A 149 11.36 13.55 -9.74
N VAL A 150 11.31 13.81 -8.42
CA VAL A 150 11.71 15.11 -7.84
C VAL A 150 13.25 15.31 -7.88
N ARG A 151 14.02 14.33 -7.36
CA ARG A 151 15.49 14.34 -7.27
C ARG A 151 16.00 15.52 -6.39
N PRO A 152 15.99 15.37 -5.04
CA PRO A 152 16.43 16.48 -4.17
C PRO A 152 17.94 16.73 -4.17
N VAL A 153 18.74 15.65 -4.33
CA VAL A 153 20.21 15.70 -4.36
C VAL A 153 20.76 15.28 -5.73
N ALA A 154 22.10 15.16 -5.86
CA ALA A 154 22.78 14.75 -7.10
C ALA A 154 22.46 13.30 -7.44
N ASN A 155 22.42 12.97 -8.75
CA ASN A 155 22.11 11.64 -9.29
C ASN A 155 22.98 10.51 -8.74
N ALA A 156 24.30 10.76 -8.61
CA ALA A 156 25.26 9.80 -8.08
C ALA A 156 25.13 9.65 -6.55
N ARG A 157 24.73 10.74 -5.86
CA ARG A 157 24.57 10.78 -4.40
C ARG A 157 23.19 10.26 -3.92
N LEU A 158 22.22 10.08 -4.84
CA LEU A 158 20.87 9.61 -4.54
C LEU A 158 20.85 8.16 -4.01
N ARG A 159 21.53 7.23 -4.71
CA ARG A 159 21.62 5.80 -4.41
C ARG A 159 20.24 5.16 -4.21
N LEU A 160 19.45 5.14 -5.30
CA LEU A 160 18.08 4.60 -5.35
C LEU A 160 18.00 3.10 -5.04
N ARG A 161 18.95 2.30 -5.56
CA ARG A 161 19.02 0.85 -5.34
C ARG A 161 19.43 0.53 -3.90
N VAL A 162 20.34 1.34 -3.32
CA VAL A 162 20.85 1.21 -1.95
C VAL A 162 19.74 1.58 -0.94
N SER A 163 19.08 2.75 -1.14
CA SER A 163 18.00 3.26 -0.29
C SER A 163 16.81 2.31 -0.22
N GLY A 164 16.50 1.65 -1.32
CA GLY A 164 15.42 0.67 -1.43
C GLY A 164 15.71 -0.60 -0.64
N ALA A 165 16.99 -1.03 -0.65
CA ALA A 165 17.48 -2.21 0.07
C ALA A 165 17.52 -1.96 1.58
N VAL A 166 17.75 -0.70 1.99
CA VAL A 166 17.80 -0.28 3.39
C VAL A 166 16.36 -0.20 3.94
N ALA A 167 15.46 0.49 3.21
CA ALA A 167 14.04 0.67 3.57
C ALA A 167 13.27 -0.64 3.75
N THR A 168 13.54 -1.65 2.88
CA THR A 168 12.87 -2.95 2.95
C THR A 168 13.29 -3.75 4.19
N ALA A 169 14.56 -3.58 4.64
CA ALA A 169 15.09 -4.24 5.82
C ALA A 169 14.55 -3.59 7.10
N VAL A 170 14.42 -2.25 7.11
CA VAL A 170 13.92 -1.46 8.24
C VAL A 170 12.41 -1.68 8.45
N LEU A 171 11.61 -1.76 7.36
CA LEU A 171 10.16 -1.96 7.47
C LEU A 171 9.76 -3.33 8.05
N TRP A 172 10.47 -4.42 7.65
CA TRP A 172 10.20 -5.77 8.16
C TRP A 172 10.65 -5.94 9.62
N VAL A 173 11.69 -5.19 10.03
CA VAL A 173 12.22 -5.19 11.40
C VAL A 173 11.24 -4.43 12.32
N LEU A 174 10.75 -3.25 11.85
CA LEU A 174 9.80 -2.42 12.58
C LEU A 174 8.44 -3.10 12.75
N ALA A 175 7.88 -3.68 11.66
CA ALA A 175 6.58 -4.37 11.65
C ALA A 175 6.52 -5.53 12.66
N ALA A 176 7.66 -6.19 12.91
CA ALA A 176 7.78 -7.30 13.87
C ALA A 176 7.88 -6.78 15.31
N LEU A 177 8.64 -5.68 15.52
CA LEU A 177 8.86 -5.05 16.83
C LEU A 177 7.63 -4.30 17.34
N LEU A 178 6.94 -3.56 16.44
CA LEU A 178 5.75 -2.77 16.77
C LEU A 178 4.53 -3.63 17.06
N ALA A 179 4.39 -4.78 16.37
CA ALA A 179 3.27 -5.71 16.56
C ALA A 179 3.59 -6.81 17.58
N MET A 180 4.78 -6.75 18.21
CA MET A 180 5.24 -7.69 19.24
C MET A 180 4.34 -7.70 20.51
N PRO A 181 3.87 -6.55 21.07
CA PRO A 181 3.00 -6.62 22.27
C PRO A 181 1.66 -7.31 22.03
N VAL A 182 1.20 -7.39 20.77
CA VAL A 182 -0.06 -8.03 20.37
C VAL A 182 -0.02 -9.55 20.67
N MET A 183 1.09 -10.23 20.30
CA MET A 183 1.30 -11.67 20.53
C MET A 183 1.40 -12.00 22.03
N VAL A 184 2.04 -11.11 22.81
CA VAL A 184 2.24 -11.27 24.26
C VAL A 184 0.90 -11.16 25.02
N LEU A 185 0.10 -10.12 24.71
CA LEU A 185 -1.18 -9.84 25.37
C LEU A 185 -2.33 -10.76 24.97
N ARG A 186 -2.30 -11.34 23.76
CA ARG A 186 -3.35 -12.24 23.28
C ARG A 186 -3.29 -13.61 23.93
N THR A 187 -4.43 -14.05 24.50
CA THR A 187 -4.61 -15.35 25.18
C THR A 187 -6.05 -15.85 25.09
N THR A 188 -6.22 -17.19 25.01
CA THR A 188 -7.54 -17.83 24.94
C THR A 188 -8.13 -18.04 26.33
N GLY A 189 -9.45 -18.04 26.40
CA GLY A 189 -10.20 -18.23 27.64
C GLY A 189 -11.65 -17.81 27.56
N ASP A 190 -12.44 -18.21 28.58
CA ASP A 190 -13.86 -17.90 28.68
C ASP A 190 -14.09 -16.46 29.15
N LEU A 191 -15.01 -15.75 28.50
CA LEU A 191 -15.36 -14.36 28.82
C LEU A 191 -16.68 -14.29 29.59
N CYS A 192 -17.77 -14.80 28.97
CA CYS A 192 -19.12 -14.83 29.55
C CYS A 192 -19.84 -16.13 29.22
N ASN A 193 -19.62 -16.68 28.00
CA ASN A 193 -20.23 -17.90 27.48
C ASN A 193 -19.88 -19.18 28.26
N THR A 194 -18.67 -19.23 28.87
CA THR A 194 -18.10 -20.33 29.66
C THR A 194 -17.79 -21.57 28.81
N ASN A 195 -18.81 -22.15 28.13
CA ASN A 195 -18.66 -23.32 27.27
C ASN A 195 -17.89 -23.00 25.97
N LYS A 196 -18.00 -21.76 25.48
CA LYS A 196 -17.32 -21.30 24.27
C LYS A 196 -16.13 -20.39 24.61
N VAL A 197 -14.92 -20.80 24.20
CA VAL A 197 -13.67 -20.07 24.42
C VAL A 197 -13.37 -19.10 23.27
N GLN A 198 -12.85 -17.91 23.58
CA GLN A 198 -12.53 -16.89 22.58
C GLN A 198 -11.13 -16.31 22.70
N CYS A 199 -10.50 -16.04 21.54
CA CYS A 199 -9.16 -15.44 21.43
C CYS A 199 -9.33 -13.92 21.55
N TYR A 200 -8.77 -13.32 22.62
CA TYR A 200 -8.88 -11.88 22.89
C TYR A 200 -7.59 -11.26 23.47
N MET A 201 -7.52 -9.91 23.47
CA MET A 201 -6.40 -9.14 24.01
C MET A 201 -6.58 -8.97 25.52
N ASP A 202 -5.76 -9.68 26.32
CA ASP A 202 -5.80 -9.62 27.79
C ASP A 202 -4.77 -8.61 28.29
N TYR A 203 -5.22 -7.38 28.59
CA TYR A 203 -4.40 -6.27 29.06
C TYR A 203 -3.94 -6.40 30.53
N SER A 204 -4.55 -7.34 31.29
CA SER A 204 -4.27 -7.63 32.71
C SER A 204 -2.79 -7.92 33.04
N MET A 205 -2.02 -8.41 32.04
CA MET A 205 -0.60 -8.75 32.16
C MET A 205 0.30 -7.54 32.44
N VAL A 206 0.03 -6.40 31.76
CA VAL A 206 0.85 -5.19 31.88
C VAL A 206 0.16 -4.06 32.67
N ALA A 207 -1.18 -3.97 32.60
CA ALA A 207 -1.96 -2.92 33.28
C ALA A 207 -2.16 -3.18 34.78
N THR A 208 -2.54 -2.13 35.53
CA THR A 208 -2.83 -2.20 36.97
C THR A 208 -4.29 -2.66 37.18
N VAL A 209 -4.96 -2.16 38.23
CA VAL A 209 -6.34 -2.51 38.55
C VAL A 209 -7.37 -1.67 37.79
N SER A 210 -7.00 -0.42 37.43
CA SER A 210 -7.89 0.49 36.72
C SER A 210 -7.38 0.97 35.36
N SER A 211 -6.06 0.86 35.11
CA SER A 211 -5.41 1.30 33.88
C SER A 211 -5.62 0.36 32.67
N GLU A 212 -6.65 -0.53 32.72
CA GLU A 212 -6.97 -1.47 31.66
C GLU A 212 -7.48 -0.76 30.39
N TRP A 213 -8.29 0.30 30.56
CA TRP A 213 -8.81 1.11 29.45
C TRP A 213 -7.69 1.98 28.87
N ALA A 214 -6.77 2.48 29.74
CA ALA A 214 -5.63 3.33 29.40
C ALA A 214 -4.65 2.64 28.45
N TRP A 215 -4.47 1.32 28.61
CA TRP A 215 -3.59 0.53 27.74
C TRP A 215 -4.28 0.18 26.43
N GLU A 216 -5.61 -0.06 26.46
CA GLU A 216 -6.41 -0.37 25.27
C GLU A 216 -6.44 0.86 24.34
N VAL A 217 -6.54 2.08 24.92
CA VAL A 217 -6.53 3.33 24.18
C VAL A 217 -5.07 3.75 23.84
N GLY A 218 -4.12 3.41 24.72
CA GLY A 218 -2.70 3.71 24.53
C GLY A 218 -2.10 2.95 23.37
N LEU A 219 -2.38 1.63 23.30
CA LEU A 219 -1.92 0.75 22.22
C LEU A 219 -2.76 0.96 20.96
N GLY A 220 -4.04 1.29 21.15
CA GLY A 220 -5.01 1.52 20.08
C GLY A 220 -4.75 2.75 19.22
N VAL A 221 -4.49 3.90 19.87
CA VAL A 221 -4.21 5.18 19.20
C VAL A 221 -2.86 5.11 18.46
N SER A 222 -1.83 4.52 19.10
CA SER A 222 -0.49 4.33 18.53
C SER A 222 -0.50 3.42 17.31
N SER A 223 -1.40 2.42 17.28
CA SER A 223 -1.57 1.48 16.15
C SER A 223 -2.07 2.22 14.91
N THR A 224 -3.01 3.18 15.10
CA THR A 224 -3.58 4.01 14.04
C THR A 224 -2.51 5.00 13.55
N THR A 225 -1.67 5.51 14.48
CA THR A 225 -0.58 6.45 14.21
C THR A 225 0.53 5.77 13.37
N VAL A 226 1.07 4.65 13.89
CA VAL A 226 2.14 3.86 13.27
C VAL A 226 1.70 3.19 11.96
N GLY A 227 0.49 2.62 11.94
CA GLY A 227 -0.05 1.90 10.80
C GLY A 227 -0.82 2.67 9.74
N PHE A 228 -1.25 3.92 10.03
CA PHE A 228 -2.03 4.68 9.06
C PHE A 228 -1.69 6.18 9.01
N VAL A 229 -1.78 6.90 10.15
CA VAL A 229 -1.55 8.36 10.23
C VAL A 229 -0.16 8.76 9.70
N VAL A 230 0.93 8.15 10.21
CA VAL A 230 2.31 8.43 9.77
C VAL A 230 2.54 7.96 8.30
N PRO A 231 2.24 6.69 7.89
CA PRO A 231 2.47 6.31 6.48
C PRO A 231 1.69 7.12 5.44
N PHE A 232 0.39 7.40 5.69
CA PHE A 232 -0.47 8.17 4.78
C PHE A 232 -0.03 9.63 4.61
N THR A 233 0.56 10.23 5.67
CA THR A 233 1.07 11.61 5.61
C THR A 233 2.31 11.69 4.72
N ILE A 234 3.19 10.65 4.78
CA ILE A 234 4.39 10.55 3.94
C ILE A 234 3.94 10.31 2.49
N CYS A 235 2.88 9.47 2.31
CA CYS A 235 2.25 9.15 1.03
C CYS A 235 1.69 10.42 0.37
N LEU A 236 1.06 11.30 1.18
CA LEU A 236 0.49 12.57 0.74
C LEU A 236 1.58 13.59 0.40
N THR A 237 2.65 13.66 1.22
CA THR A 237 3.78 14.57 1.04
C THR A 237 4.55 14.22 -0.25
N CYS A 238 4.78 12.91 -0.49
CA CYS A 238 5.46 12.41 -1.69
C CYS A 238 4.71 12.81 -2.96
N TYR A 239 3.38 12.51 -3.01
CA TYR A 239 2.49 12.83 -4.13
C TYR A 239 2.42 14.34 -4.42
N PHE A 240 2.48 15.18 -3.36
CA PHE A 240 2.45 16.63 -3.45
C PHE A 240 3.71 17.18 -4.11
N PHE A 241 4.89 16.70 -3.69
CA PHE A 241 6.19 17.11 -4.24
C PHE A 241 6.40 16.60 -5.68
N ILE A 242 5.84 15.41 -5.99
CA ILE A 242 5.90 14.79 -7.31
C ILE A 242 5.09 15.64 -8.31
N ALA A 243 3.85 16.04 -7.91
CA ALA A 243 2.95 16.88 -8.72
C ALA A 243 3.50 18.30 -8.91
N GLN A 244 4.28 18.79 -7.91
CA GLN A 244 4.92 20.12 -7.91
C GLN A 244 5.92 20.28 -9.06
N THR A 245 6.76 19.25 -9.31
CA THR A 245 7.75 19.26 -10.39
C THR A 245 7.11 19.02 -11.76
N ILE A 246 6.08 18.14 -11.80
CA ILE A 246 5.31 17.77 -13.00
C ILE A 246 4.46 18.96 -13.50
N ALA A 247 3.93 19.79 -12.57
CA ALA A 247 3.08 20.97 -12.82
C ALA A 247 3.42 21.75 -14.10
N MET A 248 4.72 22.06 -14.30
CA MET A 248 5.19 22.75 -15.50
C MET A 248 5.65 21.71 -16.54
N LYS A 249 4.72 21.34 -17.44
CA LYS A 249 4.94 20.33 -18.48
C LYS A 249 5.85 20.82 -19.61
N LYS A 250 6.62 19.90 -20.21
CA LYS A 250 7.53 20.16 -21.32
C LYS A 250 6.76 20.28 -22.64
N TYR A 251 7.31 21.02 -23.60
CA TYR A 251 6.72 21.23 -24.92
C TYR A 251 7.77 21.01 -26.02
N THR A 252 7.46 20.12 -26.98
CA THR A 252 8.38 19.79 -28.08
C THR A 252 7.94 20.32 -29.42
N CYS A 253 8.91 20.82 -30.21
CA CYS A 253 8.71 21.35 -31.54
C CYS A 253 8.44 20.21 -32.53
N THR A 254 7.33 20.31 -33.27
CA THR A 254 6.94 19.30 -34.27
C THR A 254 7.68 19.48 -35.61
N VAL A 255 8.45 20.58 -35.75
CA VAL A 255 9.21 20.91 -36.95
C VAL A 255 10.67 20.45 -36.85
N CYS A 256 11.43 20.95 -35.84
CA CYS A 256 12.85 20.59 -35.67
C CYS A 256 13.08 19.54 -34.57
N GLY A 257 12.40 19.69 -33.44
CA GLY A 257 12.51 18.78 -32.30
C GLY A 257 13.09 19.40 -31.05
N TYR A 258 12.90 20.73 -30.87
CA TYR A 258 13.39 21.47 -29.71
C TYR A 258 12.55 21.13 -28.46
N ILE A 259 13.20 20.50 -27.47
CA ILE A 259 12.56 20.11 -26.22
C ILE A 259 12.63 21.28 -25.23
N TYR A 260 11.53 22.04 -25.11
CA TYR A 260 11.49 23.16 -24.18
C TYR A 260 11.27 22.68 -22.75
N ASN A 261 12.24 22.97 -21.87
CA ASN A 261 12.20 22.61 -20.46
C ASN A 261 11.89 23.88 -19.65
N PRO A 262 10.79 23.92 -18.86
CA PRO A 262 10.47 25.14 -18.08
C PRO A 262 11.50 25.50 -17.02
N GLU A 263 12.27 24.49 -16.53
CA GLU A 263 13.33 24.65 -15.54
C GLU A 263 14.49 25.51 -16.09
N ASP A 264 14.95 25.19 -17.32
CA ASP A 264 16.03 25.90 -18.00
C ASP A 264 15.53 27.18 -18.68
N GLY A 265 14.39 27.08 -19.37
CA GLY A 265 13.78 28.18 -20.10
C GLY A 265 14.55 28.54 -21.35
N ASP A 266 14.66 29.85 -21.64
CA ASP A 266 15.38 30.39 -22.81
C ASP A 266 15.93 31.80 -22.46
N PRO A 267 16.98 31.92 -21.62
CA PRO A 267 17.48 33.26 -21.24
C PRO A 267 18.19 34.03 -22.36
N ASP A 268 18.59 33.32 -23.44
CA ASP A 268 19.27 33.90 -24.60
C ASP A 268 18.32 34.81 -25.39
N ASN A 269 17.03 34.46 -25.43
CA ASN A 269 15.97 35.22 -26.10
C ASN A 269 15.27 36.20 -25.16
N GLY A 270 15.03 35.78 -23.91
CA GLY A 270 14.38 36.59 -22.90
C GLY A 270 13.57 35.84 -21.86
N VAL A 271 13.29 34.54 -22.12
CA VAL A 271 12.50 33.67 -21.23
C VAL A 271 13.31 33.33 -19.96
N ASN A 272 12.85 33.80 -18.80
CA ASN A 272 13.51 33.57 -17.51
C ASN A 272 13.41 32.10 -17.06
N PRO A 273 14.48 31.53 -16.42
CA PRO A 273 14.40 30.12 -15.98
C PRO A 273 13.39 29.91 -14.86
N GLY A 274 12.26 29.32 -15.23
CA GLY A 274 11.13 29.05 -14.34
C GLY A 274 9.80 29.46 -14.92
N THR A 275 9.81 30.00 -16.16
CA THR A 275 8.63 30.47 -16.88
C THR A 275 7.91 29.30 -17.55
N ASP A 276 6.59 29.19 -17.31
CA ASP A 276 5.72 28.17 -17.90
C ASP A 276 5.53 28.47 -19.39
N PHE A 277 5.30 27.43 -20.22
CA PHE A 277 5.11 27.58 -21.67
C PHE A 277 3.92 28.49 -22.04
N LYS A 278 2.83 28.44 -21.25
CA LYS A 278 1.65 29.26 -21.47
C LYS A 278 1.89 30.73 -21.07
N ASP A 279 2.84 30.96 -20.13
CA ASP A 279 3.23 32.27 -19.63
C ASP A 279 4.22 33.01 -20.55
N ILE A 280 4.81 32.29 -21.53
CA ILE A 280 5.76 32.81 -22.52
C ILE A 280 5.09 33.88 -23.41
N PRO A 281 5.77 35.03 -23.71
CA PRO A 281 5.14 36.03 -24.59
C PRO A 281 4.80 35.49 -25.99
N ASP A 282 3.70 35.98 -26.57
CA ASP A 282 3.18 35.54 -27.87
C ASP A 282 4.09 35.84 -29.07
N ASP A 283 5.03 36.79 -28.93
CA ASP A 283 5.97 37.15 -30.00
C ASP A 283 7.17 36.19 -30.10
N TRP A 284 7.37 35.34 -29.06
CA TRP A 284 8.45 34.35 -28.99
C TRP A 284 8.27 33.21 -29.99
N VAL A 285 9.37 32.81 -30.64
CA VAL A 285 9.43 31.70 -31.60
C VAL A 285 10.53 30.70 -31.20
N CYS A 286 10.56 29.52 -31.86
CA CYS A 286 11.53 28.45 -31.61
C CYS A 286 12.98 28.95 -31.80
N PRO A 287 13.90 28.72 -30.83
CA PRO A 287 15.27 29.22 -31.00
C PRO A 287 16.15 28.41 -31.98
N LEU A 288 15.57 27.39 -32.65
CA LEU A 288 16.30 26.55 -33.60
C LEU A 288 15.75 26.61 -35.04
N CYS A 289 14.43 26.81 -35.21
CA CYS A 289 13.80 26.88 -36.53
C CYS A 289 12.86 28.09 -36.74
N GLY A 290 12.57 28.82 -35.66
CA GLY A 290 11.73 30.01 -35.70
C GLY A 290 10.26 29.79 -35.99
N VAL A 291 9.65 28.77 -35.36
CA VAL A 291 8.22 28.48 -35.51
C VAL A 291 7.42 29.00 -34.31
N GLY A 292 6.15 29.31 -34.54
CA GLY A 292 5.24 29.82 -33.51
C GLY A 292 4.93 28.84 -32.41
N LYS A 293 4.32 29.34 -31.32
CA LYS A 293 3.92 28.56 -30.14
C LYS A 293 2.87 27.49 -30.45
N ASP A 294 2.05 27.73 -31.50
CA ASP A 294 0.99 26.84 -31.97
C ASP A 294 1.52 25.53 -32.59
N GLN A 295 2.82 25.49 -32.95
CA GLN A 295 3.48 24.34 -33.55
C GLN A 295 4.18 23.43 -32.53
N PHE A 296 3.88 23.63 -31.22
CA PHE A 296 4.44 22.86 -30.12
C PHE A 296 3.39 21.95 -29.48
N GLU A 297 3.78 20.70 -29.14
CA GLU A 297 2.90 19.72 -28.50
C GLU A 297 3.32 19.43 -27.05
N GLU A 298 2.32 19.21 -26.17
CA GLU A 298 2.55 18.93 -24.75
C GLU A 298 3.11 17.51 -24.57
N VAL A 299 4.19 17.39 -23.78
CA VAL A 299 4.84 16.10 -23.52
C VAL A 299 4.09 15.36 -22.41
N GLU A 300 3.21 14.41 -22.82
CA GLU A 300 2.42 13.59 -21.89
C GLU A 300 3.24 12.34 -21.54
N GLU A 301 4.17 12.49 -20.60
CA GLU A 301 5.08 11.43 -20.13
C GLU A 301 4.34 10.25 -19.51
N ARG A 302 4.47 9.08 -20.15
CA ARG A 302 3.82 7.83 -19.74
C ARG A 302 4.44 7.29 -18.44
N ARG A 303 4.03 7.89 -17.30
CA ARG A 303 4.53 7.52 -15.97
C ARG A 303 3.73 6.33 -15.43
N ARG A 304 4.09 5.13 -15.91
CA ARG A 304 3.46 3.85 -15.54
C ARG A 304 3.67 3.49 -14.08
N LEU A 305 4.91 3.67 -13.54
CA LEU A 305 5.26 3.37 -12.15
C LEU A 305 4.49 4.21 -11.13
N LEU A 306 4.21 5.49 -11.47
CA LEU A 306 3.44 6.39 -10.62
C LEU A 306 1.96 5.98 -10.63
N SER A 307 1.46 5.51 -11.79
CA SER A 307 0.08 5.03 -11.98
C SER A 307 -0.18 3.79 -11.13
N ILE A 308 0.82 2.90 -10.97
CA ILE A 308 0.73 1.69 -10.13
C ILE A 308 0.72 2.13 -8.66
N CYS A 309 1.57 3.12 -8.29
CA CYS A 309 1.70 3.67 -6.95
C CYS A 309 0.42 4.36 -6.46
N VAL A 310 -0.13 5.31 -7.26
CA VAL A 310 -1.35 6.07 -6.94
C VAL A 310 -2.56 5.15 -6.75
N VAL A 311 -2.82 4.25 -7.73
CA VAL A 311 -3.95 3.29 -7.71
C VAL A 311 -3.90 2.40 -6.45
N LEU A 312 -2.71 1.84 -6.11
CA LEU A 312 -2.52 1.00 -4.92
C LEU A 312 -2.75 1.76 -3.61
N VAL A 313 -2.35 3.04 -3.55
CA VAL A 313 -2.49 3.91 -2.37
C VAL A 313 -3.97 4.31 -2.18
N VAL A 314 -4.65 4.76 -3.26
CA VAL A 314 -6.06 5.16 -3.28
C VAL A 314 -6.97 4.00 -2.82
N THR A 315 -6.74 2.78 -3.36
CA THR A 315 -7.49 1.57 -3.00
C THR A 315 -7.24 1.14 -1.55
N PHE A 316 -5.99 1.34 -1.05
CA PHE A 316 -5.61 1.03 0.33
C PHE A 316 -6.34 1.98 1.28
N ALA A 317 -6.37 3.30 0.95
CA ALA A 317 -7.04 4.34 1.74
C ALA A 317 -8.54 4.09 1.82
N LEU A 318 -9.16 3.56 0.75
CA LEU A 318 -10.59 3.25 0.71
C LEU A 318 -10.94 2.00 1.54
N CYS A 319 -9.96 1.09 1.72
CA CYS A 319 -10.13 -0.17 2.46
C CYS A 319 -9.57 -0.12 3.90
N TRP A 320 -8.78 0.92 4.25
CA TRP A 320 -8.19 1.07 5.59
C TRP A 320 -8.79 2.21 6.40
N MET A 321 -9.41 3.22 5.73
CA MET A 321 -10.06 4.36 6.39
C MET A 321 -11.28 3.91 7.23
N PRO A 322 -12.24 3.07 6.73
CA PRO A 322 -13.38 2.69 7.59
C PRO A 322 -12.97 1.88 8.83
N TYR A 323 -11.92 1.05 8.71
CA TYR A 323 -11.40 0.23 9.81
C TYR A 323 -10.74 1.11 10.88
N HIS A 324 -9.93 2.09 10.47
CA HIS A 324 -9.22 2.99 11.38
C HIS A 324 -10.10 4.10 11.96
N LEU A 325 -11.12 4.58 11.21
CA LEU A 325 -12.03 5.62 11.68
C LEU A 325 -12.97 5.08 12.78
N VAL A 326 -13.57 3.90 12.55
CA VAL A 326 -14.47 3.23 13.51
C VAL A 326 -13.72 2.88 14.81
N LYS A 327 -12.45 2.41 14.68
CA LYS A 327 -11.60 2.07 15.82
C LYS A 327 -11.26 3.29 16.68
N THR A 328 -10.81 4.39 16.05
CA THR A 328 -10.46 5.65 16.73
C THR A 328 -11.69 6.28 17.40
N LEU A 329 -12.86 6.22 16.73
CA LEU A 329 -14.14 6.73 17.25
C LEU A 329 -14.61 5.94 18.48
N TYR A 330 -14.33 4.63 18.51
CA TYR A 330 -14.65 3.73 19.63
C TYR A 330 -13.73 4.02 20.82
N MET A 331 -12.44 4.30 20.54
CA MET A 331 -11.42 4.63 21.56
C MET A 331 -11.70 6.02 22.16
N LEU A 332 -12.19 6.96 21.31
CA LEU A 332 -12.53 8.32 21.72
C LEU A 332 -13.94 8.39 22.34
N GLY A 333 -14.75 7.36 22.09
CA GLY A 333 -16.12 7.23 22.59
C GLY A 333 -16.22 7.05 24.10
N SER A 334 -15.16 6.50 24.73
CA SER A 334 -15.07 6.27 26.17
C SER A 334 -14.58 7.50 26.93
N LEU A 335 -13.69 8.31 26.29
CA LEU A 335 -13.11 9.52 26.88
C LEU A 335 -13.98 10.76 26.70
N LEU A 336 -14.45 11.02 25.46
CA LEU A 336 -15.29 12.19 25.13
C LEU A 336 -16.77 11.97 25.52
N HIS A 337 -17.16 10.69 25.75
CA HIS A 337 -18.51 10.24 26.13
C HIS A 337 -19.56 10.59 25.07
N TRP A 338 -19.60 9.79 23.99
CA TRP A 338 -20.53 9.92 22.87
C TRP A 338 -21.90 9.32 23.22
N PRO A 339 -23.03 9.74 22.56
CA PRO A 339 -24.34 9.16 22.92
C PRO A 339 -24.48 7.66 22.69
N CYS A 340 -25.45 7.04 23.39
CA CYS A 340 -25.75 5.60 23.35
C CYS A 340 -26.04 5.06 21.95
N ASP A 341 -26.78 5.84 21.12
CA ASP A 341 -27.15 5.47 19.75
C ASP A 341 -25.93 5.48 18.80
N PHE A 342 -24.98 6.41 19.01
CA PHE A 342 -23.77 6.56 18.21
C PHE A 342 -22.81 5.38 18.35
N ASP A 343 -22.68 4.83 19.58
CA ASP A 343 -21.82 3.68 19.88
C ASP A 343 -22.39 2.36 19.35
N LEU A 344 -23.73 2.28 19.18
CA LEU A 344 -24.43 1.09 18.67
C LEU A 344 -24.12 0.84 17.20
N PHE A 345 -23.92 1.92 16.40
CA PHE A 345 -23.59 1.85 14.98
C PHE A 345 -22.18 1.29 14.76
N LEU A 346 -21.18 1.85 15.46
CA LEU A 346 -19.76 1.49 15.39
C LEU A 346 -19.49 0.00 15.68
N MET A 347 -20.25 -0.60 16.62
CA MET A 347 -20.14 -2.00 17.02
C MET A 347 -20.63 -2.96 15.93
N ASN A 348 -21.60 -2.50 15.09
CA ASN A 348 -22.18 -3.29 13.99
C ASN A 348 -21.47 -3.06 12.65
N ILE A 349 -20.81 -1.90 12.48
CA ILE A 349 -20.07 -1.54 11.25
C ILE A 349 -18.66 -2.18 11.26
N PHE A 350 -18.04 -2.33 12.46
CA PHE A 350 -16.69 -2.90 12.64
C PHE A 350 -16.52 -4.34 12.07
N PRO A 351 -17.44 -5.33 12.26
CA PRO A 351 -17.21 -6.66 11.64
C PRO A 351 -17.18 -6.62 10.10
N TYR A 352 -17.82 -5.60 9.51
CA TYR A 352 -17.85 -5.35 8.06
C TYR A 352 -16.61 -4.56 7.63
N CYS A 353 -15.99 -3.81 8.56
CA CYS A 353 -14.77 -3.03 8.33
C CYS A 353 -13.57 -3.98 8.22
N THR A 354 -13.61 -5.11 8.95
CA THR A 354 -12.59 -6.15 8.92
C THR A 354 -12.72 -6.98 7.63
N CYS A 355 -13.94 -7.02 7.06
CA CYS A 355 -14.25 -7.73 5.82
C CYS A 355 -13.63 -7.02 4.61
N ILE A 356 -13.86 -5.69 4.49
CA ILE A 356 -13.34 -4.85 3.41
C ILE A 356 -11.80 -4.70 3.46
N SER A 357 -11.20 -4.85 4.65
CA SER A 357 -9.74 -4.80 4.84
C SER A 357 -9.12 -6.08 4.27
N TYR A 358 -9.83 -7.22 4.38
CA TYR A 358 -9.42 -8.52 3.86
C TYR A 358 -9.57 -8.55 2.34
N VAL A 359 -10.53 -7.76 1.79
CA VAL A 359 -10.81 -7.63 0.35
C VAL A 359 -9.58 -7.03 -0.35
N ASN A 360 -8.94 -6.01 0.26
CA ASN A 360 -7.73 -5.33 -0.23
C ASN A 360 -6.57 -6.30 -0.52
N SER A 361 -6.46 -7.39 0.27
CA SER A 361 -5.43 -8.42 0.12
C SER A 361 -5.58 -9.19 -1.21
N CYS A 362 -6.83 -9.43 -1.64
CA CYS A 362 -7.13 -10.15 -2.89
C CYS A 362 -7.51 -9.19 -4.04
N LEU A 363 -7.70 -7.90 -3.74
CA LEU A 363 -8.03 -6.86 -4.72
C LEU A 363 -6.78 -6.34 -5.43
N ASN A 364 -5.62 -6.34 -4.73
CA ASN A 364 -4.33 -5.89 -5.27
C ASN A 364 -3.89 -6.64 -6.55
N PRO A 365 -3.93 -8.01 -6.64
CA PRO A 365 -3.53 -8.67 -7.90
C PRO A 365 -4.38 -8.28 -9.11
N PHE A 366 -5.65 -7.90 -8.87
CA PHE A 366 -6.59 -7.45 -9.92
C PHE A 366 -6.14 -6.07 -10.43
N LEU A 367 -5.64 -5.20 -9.53
CA LEU A 367 -5.15 -3.85 -9.85
C LEU A 367 -3.87 -3.90 -10.68
N TYR A 368 -3.03 -4.94 -10.47
CA TYR A 368 -1.79 -5.18 -11.23
C TYR A 368 -2.13 -5.66 -12.64
N ALA A 369 -3.30 -6.31 -12.81
CA ALA A 369 -3.78 -6.83 -14.09
C ALA A 369 -4.58 -5.78 -14.89
N PHE A 370 -4.86 -4.61 -14.28
CA PHE A 370 -5.62 -3.53 -14.90
C PHE A 370 -4.79 -2.28 -15.23
N PHE A 371 -3.77 -1.95 -14.40
CA PHE A 371 -2.95 -0.76 -14.58
C PHE A 371 -1.47 -1.04 -14.89
N ASP A 372 -0.91 -2.15 -14.35
CA ASP A 372 0.49 -2.52 -14.58
C ASP A 372 0.65 -3.35 -15.87
N PRO A 373 1.34 -2.82 -16.92
CA PRO A 373 1.50 -3.59 -18.16
C PRO A 373 2.51 -4.73 -18.07
N ARG A 374 3.45 -4.67 -17.11
CA ARG A 374 4.48 -5.69 -16.89
C ARG A 374 3.85 -7.00 -16.36
N PHE A 375 2.85 -6.88 -15.46
CA PHE A 375 2.13 -8.03 -14.89
C PHE A 375 1.23 -8.69 -15.94
N ARG A 376 0.65 -7.89 -16.87
CA ARG A 376 -0.19 -8.37 -17.96
C ARG A 376 0.62 -9.16 -18.98
N GLN A 377 1.89 -8.72 -19.21
CA GLN A 377 2.84 -9.34 -20.14
C GLN A 377 3.34 -10.69 -19.60
N ALA A 378 3.55 -10.79 -18.28
CA ALA A 378 4.01 -12.01 -17.61
C ALA A 378 2.88 -13.02 -17.46
N CYS A 379 1.62 -12.55 -17.46
CA CYS A 379 0.41 -13.37 -17.38
C CYS A 379 0.25 -14.18 -18.68
N THR A 380 0.45 -13.52 -19.84
CA THR A 380 0.38 -14.14 -21.18
C THR A 380 1.55 -15.12 -21.38
N SER A 381 2.71 -14.80 -20.78
CA SER A 381 3.93 -15.62 -20.82
C SER A 381 3.75 -16.90 -19.97
N MET A 382 2.90 -16.82 -18.93
CA MET A 382 2.57 -17.94 -18.04
C MET A 382 1.73 -18.97 -18.79
N LEU A 383 0.86 -18.52 -19.73
CA LEU A 383 0.04 -19.41 -20.55
C LEU A 383 0.88 -20.00 -21.70
N LEU A 384 1.95 -19.30 -22.10
CA LEU A 384 2.91 -19.75 -23.12
C LEU A 384 3.76 -20.86 -22.51
N MET A 385 4.05 -20.74 -21.19
CA MET A 385 4.78 -21.73 -20.39
C MET A 385 3.94 -23.02 -20.31
N GLY A 386 2.62 -22.87 -20.17
CA GLY A 386 1.66 -23.96 -20.14
C GLY A 386 1.41 -24.56 -21.51
N GLN A 387 1.73 -23.79 -22.57
CA GLN A 387 1.59 -24.19 -23.98
C GLN A 387 2.80 -25.03 -24.40
N SER A 388 3.98 -24.71 -23.84
CA SER A 388 5.23 -25.44 -24.08
C SER A 388 5.22 -26.72 -23.23
N ARG A 389 4.46 -26.70 -22.11
CA ARG A 389 4.28 -27.81 -21.18
C ARG A 389 3.44 -28.92 -21.83
N LEU A 390 2.37 -28.52 -22.57
CA LEU A 390 1.49 -29.43 -23.30
C LEU A 390 2.17 -29.95 -24.57
N GLU A 391 3.12 -29.16 -25.13
CA GLU A 391 3.87 -29.51 -26.33
C GLU A 391 5.04 -30.47 -26.01
N VAL A 392 5.61 -30.38 -24.78
CA VAL A 392 6.70 -31.24 -24.32
C VAL A 392 6.18 -32.60 -23.82
N LEU A 393 4.91 -32.63 -23.35
CA LEU A 393 4.24 -33.83 -22.85
C LEU A 393 3.82 -34.75 -24.01
N PHE A 394 3.57 -34.18 -25.20
CA PHE A 394 3.16 -34.92 -26.41
C PHE A 394 4.26 -35.02 -27.49
N GLN A 395 5.48 -34.51 -27.21
CA GLN A 395 6.63 -34.57 -28.11
C GLN A 395 7.95 -34.60 -27.36
#